data_7SBU
#
_entry.id   7SBU
#
_cell.length_a   54.539
_cell.length_b   103.177
_cell.length_c   122.970
_cell.angle_alpha   90.000
_cell.angle_beta   90.000
_cell.angle_gamma   90.000
#
_symmetry.space_group_name_H-M   'P 21 21 21'
#
loop_
_entity.id
_entity.type
_entity.pdbx_description
1 polymer 'Spike protein S1'
2 polymer 'J08 Fab heavy chain'
3 polymer 'J08 Fab light chain'
4 non-polymer 2-acetamido-2-deoxy-beta-D-glucopyranose
5 non-polymer GLYCEROL
6 water water
#
loop_
_entity_poly.entity_id
_entity_poly.type
_entity_poly.pdbx_seq_one_letter_code
_entity_poly.pdbx_strand_id
1 'polypeptide(L)'
;TNLCPFGEVFNATRFASVYAWNRKRISNCVADYSVLYNSASFSTFKCYGVSPTKLNDLCFTNVYADSFVIRGDEVRQIAP
GQTGKIADYNYKLPDDFTGCVIAWNSNNLDSKVGGNYNYLYRLFRKSNLKPFERDISTEIYQAGSTPCNGVEGFNCYFPL
QSYGFQPTNGVGYQPYRVVVLSFELLHAPATVCGPKKSGHHHHHH
;
A
2 'polypeptide(L)'
;QVQLVQSGAEVKKPGSSVKVSCKASGGTFSSYTISWVRQAPGQGLEWMGRIIPILDRVMYAQKFQGRVTITADKSTSTAY
MELSSLRSEDTAVYYCARRAIDSDTYVEQSHFDYWGQGTLVTVSSASTRGPSVFPLAPSSKSTSGGTAALGCLVKDYFPE
PVTVSWNSGALTSGVHTFPAVLQSSGLYSLSSVVTVPSSSLGTQTYICNVNHKPSNTKVDKRVEPKSC
;
H
3 'polypeptide(L)'
;EIVMTQSPATLSLSPGERATLSCRASQSVSSYLAWYQQKPGQAPSLLIYDASNRATGIPARFSGSGSGTDFTLTISSLEP
EDFAVYYCQQPLTFGGGTKVEIKRTVAAPSVFIFPPSDEQLKSGTASVVCLLNNFYPREAKVQWKVDNALQSGNSQESVT
EQDSKDSTYSLSSTLTLSKADYEKHKVYACEVTHQGLSSPVTKSFNRGEC
;
L
#
# COMPACT_ATOMS: atom_id res chain seq x y z
N CYS A 4 54.14 13.17 -25.70
CA CYS A 4 53.21 12.30 -24.97
C CYS A 4 51.77 12.67 -25.28
N PRO A 5 50.90 11.67 -25.40
CA PRO A 5 49.50 11.91 -25.78
C PRO A 5 48.66 12.43 -24.61
N PHE A 6 48.93 13.67 -24.20
CA PHE A 6 48.15 14.30 -23.15
C PHE A 6 46.78 14.75 -23.64
N GLY A 7 46.71 15.19 -24.90
CA GLY A 7 45.44 15.69 -25.42
C GLY A 7 44.37 14.63 -25.55
N GLU A 8 44.77 13.38 -25.81
CA GLU A 8 43.80 12.30 -25.95
C GLU A 8 43.04 12.02 -24.66
N VAL A 9 43.61 12.39 -23.52
CA VAL A 9 42.94 12.20 -22.24
C VAL A 9 42.13 13.44 -21.85
N PHE A 10 42.74 14.61 -21.93
CA PHE A 10 42.07 15.83 -21.50
C PHE A 10 41.00 16.27 -22.50
N ASN A 11 41.31 16.20 -23.79
CA ASN A 11 40.43 16.69 -24.85
C ASN A 11 39.63 15.56 -25.49
N ALA A 12 39.23 14.56 -24.71
CA ALA A 12 38.43 13.46 -25.25
C ALA A 12 36.97 13.83 -25.30
N THR A 13 36.27 13.30 -26.31
CA THR A 13 34.86 13.60 -26.47
C THR A 13 34.01 12.90 -25.41
N ARG A 14 34.31 11.64 -25.13
CA ARG A 14 33.57 10.84 -24.16
C ARG A 14 34.47 10.52 -22.97
N PHE A 15 33.90 10.62 -21.77
CA PHE A 15 34.59 10.28 -20.54
C PHE A 15 33.87 9.11 -19.86
N ALA A 16 34.62 8.39 -19.04
CA ALA A 16 34.09 7.19 -18.39
C ALA A 16 33.48 7.52 -17.03
N SER A 17 32.69 6.58 -16.52
CA SER A 17 32.13 6.70 -15.18
C SER A 17 33.19 6.36 -14.14
N VAL A 18 32.89 6.71 -12.88
CA VAL A 18 33.86 6.52 -11.80
C VAL A 18 34.13 5.03 -11.58
N TYR A 19 33.07 4.22 -11.56
CA TYR A 19 33.27 2.79 -11.29
C TYR A 19 34.07 2.12 -12.38
N ALA A 20 33.99 2.61 -13.61
CA ALA A 20 34.76 2.06 -14.72
C ALA A 20 35.77 3.08 -15.23
N TRP A 21 36.60 3.62 -14.32
CA TRP A 21 37.54 4.67 -14.69
C TRP A 21 38.59 4.13 -15.66
N ASN A 22 38.83 4.89 -16.72
CA ASN A 22 39.83 4.50 -17.72
C ASN A 22 41.23 4.84 -17.23
N ARG A 23 42.22 4.22 -17.88
CA ARG A 23 43.62 4.45 -17.53
C ARG A 23 44.46 4.38 -18.80
N LYS A 24 45.31 5.37 -19.00
CA LYS A 24 46.22 5.42 -20.14
C LYS A 24 47.65 5.40 -19.61
N ARG A 25 48.40 4.37 -20.00
CA ARG A 25 49.82 4.27 -19.65
C ARG A 25 50.63 5.05 -20.68
N ILE A 26 51.41 6.02 -20.20
CA ILE A 26 52.20 6.89 -21.06
C ILE A 26 53.67 6.55 -20.85
N SER A 27 54.36 6.20 -21.94
CA SER A 27 55.76 5.82 -21.86
C SER A 27 56.43 6.08 -23.19
N ASN A 28 57.76 6.17 -23.15
CA ASN A 28 58.59 6.37 -24.35
C ASN A 28 58.20 7.65 -25.09
N CYS A 29 58.23 8.76 -24.37
CA CYS A 29 57.89 10.06 -24.93
C CYS A 29 58.40 11.16 -24.02
N VAL A 30 58.29 12.39 -24.49
CA VAL A 30 58.67 13.59 -23.73
C VAL A 30 57.40 14.35 -23.40
N ALA A 31 57.20 14.65 -22.13
CA ALA A 31 55.97 15.28 -21.65
C ALA A 31 56.22 16.74 -21.35
N ASP A 32 55.45 17.61 -22.00
CA ASP A 32 55.51 19.05 -21.77
C ASP A 32 54.34 19.43 -20.87
N TYR A 33 54.60 19.52 -19.57
CA TYR A 33 53.55 19.85 -18.60
C TYR A 33 53.15 21.32 -18.62
N SER A 34 53.88 22.17 -19.34
CA SER A 34 53.54 23.59 -19.40
C SER A 34 52.18 23.81 -20.03
N VAL A 35 51.78 22.94 -20.97
CA VAL A 35 50.47 23.06 -21.59
C VAL A 35 49.35 22.85 -20.58
N LEU A 36 49.67 22.23 -19.44
CA LEU A 36 48.67 21.98 -18.41
C LEU A 36 48.63 23.07 -17.34
N TYR A 37 49.78 23.43 -16.77
CA TYR A 37 49.79 24.43 -15.70
C TYR A 37 49.80 25.86 -16.20
N ASN A 38 49.70 26.08 -17.52
CA ASN A 38 49.49 27.41 -18.07
C ASN A 38 48.08 27.61 -18.60
N SER A 39 47.21 26.62 -18.45
CA SER A 39 45.84 26.70 -18.94
C SER A 39 44.92 27.26 -17.87
N ALA A 40 44.00 28.13 -18.28
CA ALA A 40 43.00 28.70 -17.39
C ALA A 40 41.66 27.98 -17.50
N SER A 41 41.67 26.67 -17.73
CA SER A 41 40.46 25.90 -17.91
C SER A 41 40.17 24.92 -16.78
N PHE A 42 41.10 24.76 -15.85
CA PHE A 42 40.98 23.77 -14.79
C PHE A 42 40.56 24.44 -13.49
N SER A 43 39.54 23.87 -12.83
CA SER A 43 39.12 24.32 -11.52
C SER A 43 39.89 23.65 -10.39
N THR A 44 40.55 22.52 -10.67
CA THR A 44 41.35 21.82 -9.69
C THR A 44 42.72 21.52 -10.29
N PHE A 45 43.77 21.85 -9.54
CA PHE A 45 45.14 21.53 -9.94
C PHE A 45 46.03 21.37 -8.73
N LYS A 46 45.92 20.23 -8.05
CA LYS A 46 46.70 19.95 -6.83
C LYS A 46 47.67 18.83 -7.12
N CYS A 47 48.97 19.12 -6.98
CA CYS A 47 50.01 18.12 -7.15
C CYS A 47 50.55 17.71 -5.78
N TYR A 48 50.76 16.41 -5.60
CA TYR A 48 51.21 15.85 -4.33
C TYR A 48 52.60 15.27 -4.50
N GLY A 49 53.53 15.69 -3.63
CA GLY A 49 54.86 15.13 -3.61
C GLY A 49 55.70 15.56 -4.79
N VAL A 50 55.21 16.54 -5.54
CA VAL A 50 55.89 17.03 -6.73
C VAL A 50 55.47 18.48 -6.94
N SER A 51 56.36 19.25 -7.57
CA SER A 51 56.10 20.63 -7.93
C SER A 51 55.71 20.72 -9.40
N PRO A 52 54.59 21.39 -9.71
CA PRO A 52 54.18 21.51 -11.12
C PRO A 52 55.19 22.23 -11.98
N THR A 53 55.87 23.24 -11.44
CA THR A 53 56.85 23.98 -12.23
C THR A 53 58.07 23.12 -12.53
N LYS A 54 58.56 22.37 -11.54
CA LYS A 54 59.72 21.51 -11.71
C LYS A 54 59.36 20.19 -12.39
N LEU A 55 58.11 19.99 -12.79
CA LEU A 55 57.71 18.75 -13.45
C LEU A 55 58.36 18.62 -14.82
N ASN A 56 58.54 19.73 -15.53
CA ASN A 56 59.12 19.71 -16.87
C ASN A 56 60.63 19.47 -16.88
N ASP A 57 61.24 19.12 -15.76
CA ASP A 57 62.68 18.87 -15.69
C ASP A 57 62.97 17.62 -14.87
N LEU A 58 62.07 16.63 -14.92
CA LEU A 58 62.22 15.39 -14.19
C LEU A 58 61.91 14.22 -15.11
N CYS A 59 62.44 13.05 -14.75
CA CYS A 59 62.28 11.83 -15.53
C CYS A 59 61.57 10.78 -14.70
N PHE A 60 60.73 9.98 -15.36
CA PHE A 60 59.98 8.93 -14.69
C PHE A 60 59.94 7.70 -15.60
N THR A 61 59.87 6.52 -14.96
CA THR A 61 59.83 5.27 -15.73
C THR A 61 58.50 5.13 -16.46
N ASN A 62 57.39 5.49 -15.80
CA ASN A 62 56.07 5.41 -16.41
C ASN A 62 55.16 6.40 -15.71
N VAL A 63 54.19 6.93 -16.46
CA VAL A 63 53.21 7.87 -15.93
C VAL A 63 51.83 7.42 -16.37
N TYR A 64 50.89 7.43 -15.42
CA TYR A 64 49.53 6.94 -15.64
C TYR A 64 48.55 8.09 -15.65
N ALA A 65 47.54 8.01 -16.51
CA ALA A 65 46.51 9.03 -16.64
C ALA A 65 45.14 8.37 -16.50
N ASP A 66 44.51 8.57 -15.35
CA ASP A 66 43.18 8.06 -15.09
C ASP A 66 42.14 9.16 -15.26
N SER A 67 41.02 8.82 -15.91
CA SER A 67 40.00 9.80 -16.23
C SER A 67 38.62 9.24 -15.93
N PHE A 68 37.77 10.09 -15.35
CA PHE A 68 36.39 9.72 -15.01
C PHE A 68 35.60 11.00 -14.80
N VAL A 69 34.32 10.84 -14.44
CA VAL A 69 33.42 11.96 -14.25
C VAL A 69 32.72 11.80 -12.90
N ILE A 70 32.82 12.84 -12.06
CA ILE A 70 32.13 12.90 -10.78
C ILE A 70 31.41 14.23 -10.69
N ARG A 71 30.72 14.45 -9.57
CA ARG A 71 30.12 15.76 -9.33
C ARG A 71 31.10 16.66 -8.60
N GLY A 72 30.71 17.93 -8.44
CA GLY A 72 31.65 18.93 -7.95
C GLY A 72 32.11 18.68 -6.53
N ASP A 73 31.17 18.36 -5.64
CA ASP A 73 31.52 18.20 -4.23
C ASP A 73 32.27 16.90 -3.94
N GLU A 74 32.48 16.04 -4.93
CA GLU A 74 33.20 14.79 -4.74
C GLU A 74 34.65 14.87 -5.20
N VAL A 75 35.06 15.99 -5.80
CA VAL A 75 36.45 16.15 -6.23
C VAL A 75 37.39 16.12 -5.04
N ARG A 76 36.92 16.56 -3.87
CA ARG A 76 37.76 16.53 -2.67
C ARG A 76 38.15 15.11 -2.29
N GLN A 77 37.31 14.13 -2.63
CA GLN A 77 37.61 12.75 -2.29
C GLN A 77 38.72 12.16 -3.16
N ILE A 78 39.03 12.79 -4.30
CA ILE A 78 40.14 12.35 -5.14
C ILE A 78 41.43 12.95 -4.59
N ALA A 79 41.84 12.48 -3.41
CA ALA A 79 43.01 12.99 -2.72
C ALA A 79 43.44 11.96 -1.68
N PRO A 80 44.71 11.94 -1.29
CA PRO A 80 45.15 10.94 -0.31
C PRO A 80 44.48 11.14 1.04
N GLY A 81 44.10 10.03 1.66
CA GLY A 81 43.52 10.08 3.00
C GLY A 81 42.10 10.57 3.06
N GLN A 82 41.34 10.42 1.99
CA GLN A 82 39.95 10.87 1.94
C GLN A 82 39.01 9.68 1.99
N THR A 83 37.79 9.93 2.49
CA THR A 83 36.77 8.92 2.59
C THR A 83 35.47 9.44 1.99
N GLY A 84 34.65 8.52 1.52
CA GLY A 84 33.39 8.86 0.88
C GLY A 84 32.98 7.78 -0.08
N LYS A 85 31.81 7.97 -0.68
CA LYS A 85 31.27 6.97 -1.59
C LYS A 85 32.16 6.78 -2.81
N ILE A 86 32.83 7.85 -3.26
CA ILE A 86 33.71 7.72 -4.42
C ILE A 86 35.06 7.12 -4.01
N ALA A 87 35.64 7.62 -2.93
CA ALA A 87 36.97 7.17 -2.52
C ALA A 87 36.95 5.74 -2.01
N ASP A 88 35.82 5.29 -1.45
CA ASP A 88 35.75 3.95 -0.88
C ASP A 88 35.26 2.90 -1.87
N TYR A 89 34.40 3.29 -2.82
CA TYR A 89 33.74 2.32 -3.69
C TYR A 89 34.04 2.51 -5.17
N ASN A 90 34.75 3.56 -5.57
CA ASN A 90 34.93 3.85 -6.98
C ASN A 90 36.40 4.04 -7.37
N TYR A 91 37.04 5.07 -6.82
CA TYR A 91 38.42 5.39 -7.15
C TYR A 91 39.13 5.81 -5.87
N LYS A 92 40.11 5.00 -5.45
CA LYS A 92 40.85 5.24 -4.21
C LYS A 92 42.29 5.60 -4.52
N LEU A 93 42.75 6.72 -3.98
CA LEU A 93 44.15 7.13 -4.13
C LEU A 93 44.96 6.69 -2.92
N PRO A 94 46.20 6.29 -3.11
CA PRO A 94 47.03 5.87 -1.96
C PRO A 94 47.41 7.05 -1.09
N ASP A 95 47.71 6.74 0.17
CA ASP A 95 48.10 7.78 1.11
C ASP A 95 49.46 8.37 0.77
N ASP A 96 50.32 7.59 0.11
CA ASP A 96 51.62 8.07 -0.37
C ASP A 96 51.58 8.46 -1.84
N PHE A 97 50.48 9.06 -2.27
CA PHE A 97 50.29 9.38 -3.68
C PHE A 97 51.29 10.44 -4.14
N THR A 98 52.01 10.14 -5.21
CA THR A 98 52.96 11.07 -5.82
C THR A 98 52.47 11.35 -7.23
N GLY A 99 51.72 12.43 -7.41
CA GLY A 99 51.20 12.77 -8.71
C GLY A 99 50.42 14.06 -8.66
N CYS A 100 49.56 14.24 -9.67
CA CYS A 100 48.78 15.46 -9.81
C CYS A 100 47.33 15.10 -10.12
N VAL A 101 46.41 15.90 -9.58
CA VAL A 101 44.97 15.72 -9.77
C VAL A 101 44.42 16.98 -10.43
N ILE A 102 43.77 16.81 -11.59
CA ILE A 102 43.24 17.92 -12.37
C ILE A 102 41.76 17.67 -12.64
N ALA A 103 40.96 18.72 -12.56
CA ALA A 103 39.53 18.61 -12.81
C ALA A 103 39.02 19.93 -13.38
N TRP A 104 37.85 19.86 -14.03
CA TRP A 104 37.22 21.05 -14.59
C TRP A 104 35.73 20.78 -14.76
N ASN A 105 34.94 21.85 -14.68
CA ASN A 105 33.50 21.72 -14.82
C ASN A 105 33.13 21.29 -16.24
N SER A 106 32.18 20.37 -16.34
CA SER A 106 31.75 19.81 -17.61
C SER A 106 30.23 19.82 -17.73
N ASN A 107 29.60 20.88 -17.20
CA ASN A 107 28.15 20.98 -17.25
C ASN A 107 27.65 21.18 -18.67
N ASN A 108 28.42 21.87 -19.51
CA ASN A 108 28.01 22.12 -20.88
C ASN A 108 28.04 20.87 -21.75
N LEU A 109 28.69 19.79 -21.31
CA LEU A 109 28.86 18.60 -22.12
C LEU A 109 28.22 17.35 -21.53
N ASP A 110 28.24 17.21 -20.20
CA ASP A 110 27.80 15.99 -19.55
C ASP A 110 26.45 16.13 -18.86
N SER A 111 25.77 17.26 -19.00
CA SER A 111 24.47 17.49 -18.40
C SER A 111 23.41 17.60 -19.47
N LYS A 112 22.37 16.77 -19.37
CA LYS A 112 21.27 16.75 -20.32
C LYS A 112 19.99 17.24 -19.65
N VAL A 113 19.04 17.69 -20.48
CA VAL A 113 17.82 18.31 -19.97
C VAL A 113 17.06 17.34 -19.07
N GLY A 114 16.75 16.16 -19.59
CA GLY A 114 16.09 15.15 -18.80
C GLY A 114 16.96 14.42 -17.81
N GLY A 115 18.22 14.83 -17.68
CA GLY A 115 19.16 14.13 -16.82
C GLY A 115 19.98 13.12 -17.58
N ASN A 116 21.31 13.24 -17.50
CA ASN A 116 22.21 12.30 -18.18
C ASN A 116 22.39 11.09 -17.28
N TYR A 117 21.60 10.05 -17.52
CA TYR A 117 21.63 8.83 -16.71
C TYR A 117 22.69 7.84 -17.22
N ASN A 118 23.62 8.28 -18.04
CA ASN A 118 24.68 7.41 -18.54
C ASN A 118 25.89 7.36 -17.62
N TYR A 119 26.14 8.43 -16.86
CA TYR A 119 27.23 8.45 -15.89
C TYR A 119 26.74 7.86 -14.58
N LEU A 120 27.44 6.83 -14.10
CA LEU A 120 27.05 6.09 -12.90
C LEU A 120 28.16 6.12 -11.88
N TYR A 121 27.79 5.81 -10.63
CA TYR A 121 28.75 5.63 -9.55
C TYR A 121 28.27 4.49 -8.66
N ARG A 122 29.23 3.77 -8.08
CA ARG A 122 28.90 2.66 -7.20
C ARG A 122 28.46 3.19 -5.84
N LEU A 123 27.28 2.77 -5.39
CA LEU A 123 26.72 3.20 -4.13
C LEU A 123 26.76 2.13 -3.05
N PHE A 124 26.87 0.86 -3.42
CA PHE A 124 26.85 -0.25 -2.47
C PHE A 124 28.05 -1.16 -2.72
N ARG A 125 28.76 -1.49 -1.66
CA ARG A 125 29.86 -2.45 -1.73
C ARG A 125 30.17 -2.94 -0.32
N LYS A 126 30.49 -4.23 -0.20
CA LYS A 126 30.72 -4.83 1.10
C LYS A 126 32.05 -4.43 1.71
N SER A 127 33.02 -4.01 0.90
CA SER A 127 34.33 -3.62 1.39
C SER A 127 34.83 -2.41 0.62
N ASN A 128 35.76 -1.69 1.24
CA ASN A 128 36.34 -0.51 0.61
C ASN A 128 37.39 -0.90 -0.42
N LEU A 129 37.54 -0.05 -1.43
CA LEU A 129 38.47 -0.34 -2.52
C LEU A 129 39.92 -0.11 -2.07
N LYS A 130 40.80 -0.95 -2.59
CA LYS A 130 42.23 -0.74 -2.42
C LYS A 130 42.72 0.37 -3.36
N PRO A 131 43.86 0.98 -3.06
CA PRO A 131 44.37 2.06 -3.93
C PRO A 131 44.57 1.56 -5.35
N PHE A 132 44.02 2.31 -6.31
CA PHE A 132 44.14 2.03 -7.75
C PHE A 132 43.45 0.71 -8.12
N GLU A 133 42.34 0.41 -7.47
CA GLU A 133 41.54 -0.76 -7.78
C GLU A 133 40.26 -0.35 -8.48
N ARG A 134 39.82 -1.15 -9.44
CA ARG A 134 38.64 -0.87 -10.24
C ARG A 134 37.66 -2.03 -10.14
N ASP A 135 36.40 -1.72 -9.89
CA ASP A 135 35.34 -2.71 -9.77
C ASP A 135 34.22 -2.35 -10.75
N ILE A 136 33.98 -3.21 -11.72
CA ILE A 136 32.93 -3.00 -12.71
C ILE A 136 31.82 -4.04 -12.58
N SER A 137 31.67 -4.63 -11.40
CA SER A 137 30.67 -5.66 -11.20
C SER A 137 29.27 -5.05 -11.17
N THR A 138 28.28 -5.87 -11.55
CA THR A 138 26.88 -5.46 -11.56
C THR A 138 26.00 -6.39 -10.74
N GLU A 139 26.60 -7.11 -9.78
CA GLU A 139 25.83 -8.04 -8.97
C GLU A 139 24.94 -7.28 -7.97
N ILE A 140 23.72 -7.78 -7.78
CA ILE A 140 22.78 -7.13 -6.89
C ILE A 140 23.30 -7.19 -5.46
N TYR A 141 23.31 -6.04 -4.79
CA TYR A 141 23.84 -5.96 -3.43
C TYR A 141 22.77 -6.39 -2.42
N GLN A 142 23.15 -7.29 -1.52
CA GLN A 142 22.25 -7.79 -0.49
C GLN A 142 22.40 -6.91 0.75
N ALA A 143 21.50 -5.95 0.92
CA ALA A 143 21.52 -5.07 2.08
C ALA A 143 20.77 -5.65 3.27
N GLY A 144 19.98 -6.71 3.07
CA GLY A 144 19.23 -7.31 4.15
C GLY A 144 19.58 -8.75 4.42
N SER A 145 18.66 -9.50 5.01
CA SER A 145 18.90 -10.89 5.37
C SER A 145 18.39 -11.87 4.32
N THR A 146 17.70 -11.40 3.29
CA THR A 146 17.16 -12.30 2.28
C THR A 146 17.98 -12.25 1.01
N PRO A 147 18.21 -13.40 0.37
CA PRO A 147 19.00 -13.41 -0.87
C PRO A 147 18.29 -12.65 -1.99
N CYS A 148 19.08 -12.09 -2.89
CA CYS A 148 18.56 -11.25 -3.96
C CYS A 148 18.19 -12.03 -5.22
N ASN A 149 18.94 -13.10 -5.53
CA ASN A 149 18.70 -13.93 -6.70
C ASN A 149 18.78 -13.12 -8.00
N GLY A 150 19.65 -12.11 -8.02
CA GLY A 150 19.85 -11.31 -9.21
C GLY A 150 18.71 -10.39 -9.58
N VAL A 151 17.75 -10.17 -8.68
CA VAL A 151 16.60 -9.34 -8.95
C VAL A 151 16.59 -8.17 -7.97
N GLU A 152 16.33 -6.97 -8.49
CA GLU A 152 16.18 -5.79 -7.63
C GLU A 152 14.89 -5.90 -6.82
N GLY A 153 14.98 -5.57 -5.54
CA GLY A 153 13.82 -5.64 -4.68
C GLY A 153 14.03 -5.08 -3.29
N PHE A 154 13.34 -5.66 -2.31
CA PHE A 154 13.40 -5.18 -0.94
C PHE A 154 14.79 -5.42 -0.36
N ASN A 155 15.50 -4.33 -0.05
CA ASN A 155 16.87 -4.39 0.47
C ASN A 155 17.79 -5.17 -0.47
N CYS A 156 17.49 -5.13 -1.76
CA CYS A 156 18.27 -5.80 -2.79
C CYS A 156 18.45 -4.80 -3.93
N TYR A 157 19.62 -4.17 -3.99
CA TYR A 157 19.83 -3.00 -4.83
C TYR A 157 20.86 -3.30 -5.91
N PHE A 158 20.63 -2.73 -7.09
CA PHE A 158 21.67 -2.67 -8.11
C PHE A 158 22.81 -1.82 -7.57
N PRO A 159 24.06 -2.30 -7.66
CA PRO A 159 25.16 -1.62 -6.95
C PRO A 159 25.49 -0.24 -7.48
N LEU A 160 25.10 0.09 -8.70
CA LEU A 160 25.44 1.37 -9.31
C LEU A 160 24.24 2.32 -9.24
N GLN A 161 24.53 3.59 -8.98
CA GLN A 161 23.54 4.65 -8.96
C GLN A 161 23.91 5.70 -10.00
N SER A 162 22.91 6.22 -10.71
CA SER A 162 23.14 7.16 -11.79
C SER A 162 23.18 8.59 -11.27
N TYR A 163 24.16 9.36 -11.72
CA TYR A 163 24.14 10.80 -11.52
C TYR A 163 23.02 11.40 -12.35
N GLY A 164 22.10 12.10 -11.69
CA GLY A 164 21.04 12.78 -12.43
C GLY A 164 21.49 14.13 -12.94
N PHE A 165 22.56 14.13 -13.75
CA PHE A 165 23.21 15.38 -14.17
C PHE A 165 22.28 16.23 -15.03
N GLN A 166 21.76 17.30 -14.43
CA GLN A 166 20.95 18.29 -15.12
C GLN A 166 21.70 19.62 -15.19
N PRO A 167 21.56 20.37 -16.28
CA PRO A 167 22.35 21.60 -16.44
C PRO A 167 21.99 22.70 -15.47
N THR A 168 20.81 22.66 -14.85
CA THR A 168 20.41 23.66 -13.87
C THR A 168 20.72 23.24 -12.44
N ASN A 169 21.43 22.13 -12.25
CA ASN A 169 21.80 21.70 -10.91
C ASN A 169 22.82 22.67 -10.31
N GLY A 170 22.97 22.58 -8.98
CA GLY A 170 23.99 23.35 -8.31
C GLY A 170 25.38 22.92 -8.71
N VAL A 171 26.34 23.83 -8.51
CA VAL A 171 27.72 23.56 -8.92
C VAL A 171 28.28 22.35 -8.19
N GLY A 172 27.81 22.08 -6.98
CA GLY A 172 28.24 20.88 -6.28
C GLY A 172 27.70 19.61 -6.92
N TYR A 173 26.55 19.69 -7.56
CA TYR A 173 25.92 18.54 -8.22
C TYR A 173 26.20 18.50 -9.72
N GLN A 174 26.98 19.44 -10.25
CA GLN A 174 27.27 19.48 -11.67
C GLN A 174 28.43 18.53 -12.00
N PRO A 175 28.47 18.01 -13.23
CA PRO A 175 29.52 17.05 -13.59
C PRO A 175 30.87 17.74 -13.75
N TYR A 176 31.92 17.04 -13.30
CA TYR A 176 33.29 17.51 -13.43
C TYR A 176 34.13 16.40 -14.03
N ARG A 177 34.89 16.73 -15.07
CA ARG A 177 35.80 15.77 -15.70
C ARG A 177 37.14 15.83 -14.98
N VAL A 178 37.59 14.69 -14.47
CA VAL A 178 38.78 14.60 -13.64
C VAL A 178 39.83 13.77 -14.37
N VAL A 179 41.08 14.22 -14.31
CA VAL A 179 42.21 13.50 -14.87
C VAL A 179 43.27 13.40 -13.78
N VAL A 180 43.55 12.18 -13.33
CA VAL A 180 44.53 11.93 -12.28
C VAL A 180 45.83 11.47 -12.94
N LEU A 181 46.91 12.19 -12.68
CA LEU A 181 48.23 11.87 -13.23
C LEU A 181 49.08 11.28 -12.12
N SER A 182 49.58 10.05 -12.35
CA SER A 182 50.42 9.35 -11.39
C SER A 182 51.78 9.10 -12.02
N PHE A 183 52.84 9.55 -11.34
CA PHE A 183 54.20 9.39 -11.81
C PHE A 183 54.89 8.29 -11.01
N GLU A 184 55.29 7.22 -11.71
CA GLU A 184 55.94 6.10 -11.06
C GLU A 184 57.40 6.42 -10.76
N LEU A 185 57.82 6.20 -9.52
CA LEU A 185 59.20 6.43 -9.09
C LEU A 185 60.02 5.15 -9.08
N LEU A 186 59.66 4.17 -9.90
CA LEU A 186 60.37 2.90 -9.95
C LEU A 186 61.71 3.04 -10.68
N PRO A 189 64.91 2.76 -14.95
CA PRO A 189 64.90 3.07 -16.38
C PRO A 189 63.76 4.00 -16.78
N ALA A 190 64.07 5.30 -16.88
CA ALA A 190 63.05 6.29 -17.19
C ALA A 190 62.73 6.28 -18.68
N THR A 191 61.43 6.25 -18.99
CA THR A 191 60.97 6.33 -20.37
C THR A 191 60.25 7.62 -20.70
N VAL A 192 59.76 8.35 -19.71
CA VAL A 192 59.12 9.65 -19.90
C VAL A 192 59.94 10.71 -19.17
N CYS A 193 60.07 11.88 -19.79
CA CYS A 193 60.88 12.95 -19.23
C CYS A 193 60.32 14.29 -19.69
N GLY A 194 60.69 15.33 -18.97
CA GLY A 194 60.35 16.68 -19.35
C GLY A 194 61.30 17.22 -20.40
N PRO A 195 60.89 18.34 -21.04
CA PRO A 195 61.71 18.96 -22.09
C PRO A 195 63.03 19.51 -21.55
N VAL B 2 4.38 13.67 11.55
CA VAL B 2 4.31 12.28 11.10
C VAL B 2 2.86 11.92 10.77
N GLN B 3 2.34 12.53 9.71
CA GLN B 3 0.97 12.30 9.27
C GLN B 3 0.94 11.94 7.79
N LEU B 4 -0.10 11.22 7.39
CA LEU B 4 -0.29 10.80 6.00
C LEU B 4 -1.74 11.11 5.61
N VAL B 5 -1.92 12.18 4.84
CA VAL B 5 -3.24 12.62 4.41
C VAL B 5 -3.39 12.32 2.93
N GLN B 6 -4.44 11.60 2.56
CA GLN B 6 -4.68 11.19 1.19
C GLN B 6 -5.76 12.05 0.55
N SER B 7 -5.88 11.92 -0.77
CA SER B 7 -6.86 12.68 -1.53
C SER B 7 -8.26 12.09 -1.35
N GLY B 8 -9.26 12.85 -1.81
CA GLY B 8 -10.64 12.45 -1.63
C GLY B 8 -11.05 11.27 -2.49
N ALA B 9 -12.20 10.71 -2.16
CA ALA B 9 -12.72 9.56 -2.89
C ALA B 9 -13.06 9.93 -4.33
N GLU B 10 -12.94 8.95 -5.21
CA GLU B 10 -13.13 9.16 -6.64
C GLU B 10 -14.04 8.08 -7.21
N VAL B 11 -14.76 8.44 -8.26
CA VAL B 11 -15.55 7.51 -9.05
C VAL B 11 -15.03 7.59 -10.49
N LYS B 12 -14.50 6.47 -10.99
CA LYS B 12 -13.87 6.42 -12.30
C LYS B 12 -14.61 5.46 -13.20
N LYS B 13 -14.75 5.83 -14.47
CA LYS B 13 -15.42 4.96 -15.43
C LYS B 13 -14.51 3.79 -15.80
N PRO B 14 -15.10 2.65 -16.18
CA PRO B 14 -14.28 1.51 -16.59
C PRO B 14 -13.40 1.85 -17.78
N GLY B 15 -12.13 1.45 -17.70
CA GLY B 15 -11.15 1.75 -18.73
C GLY B 15 -10.35 3.01 -18.49
N SER B 16 -10.78 3.88 -17.58
CA SER B 16 -10.08 5.11 -17.29
C SER B 16 -8.96 4.87 -16.29
N SER B 17 -8.18 5.91 -16.01
CA SER B 17 -7.09 5.86 -15.06
C SER B 17 -7.38 6.77 -13.86
N VAL B 18 -6.83 6.39 -12.72
CA VAL B 18 -7.01 7.15 -11.47
C VAL B 18 -5.64 7.46 -10.90
N LYS B 19 -5.53 8.64 -10.29
CA LYS B 19 -4.30 9.05 -9.60
C LYS B 19 -4.67 9.50 -8.19
N VAL B 20 -4.20 8.76 -7.20
CA VAL B 20 -4.47 9.04 -5.79
C VAL B 20 -3.19 9.63 -5.18
N SER B 21 -3.35 10.72 -4.44
CA SER B 21 -2.23 11.41 -3.82
C SER B 21 -2.14 11.07 -2.33
N CYS B 22 -0.92 11.20 -1.79
CA CYS B 22 -0.67 10.96 -0.37
C CYS B 22 0.37 11.98 0.09
N LYS B 23 -0.09 13.02 0.78
CA LYS B 23 0.79 14.06 1.28
C LYS B 23 1.34 13.66 2.64
N ALA B 24 2.67 13.74 2.78
CA ALA B 24 3.35 13.36 4.01
C ALA B 24 3.92 14.58 4.70
N SER B 25 4.20 14.44 5.99
CA SER B 25 4.82 15.50 6.76
C SER B 25 6.22 15.78 6.24
N GLY B 26 6.69 16.99 6.49
CA GLY B 26 8.00 17.39 5.99
C GLY B 26 9.10 16.55 6.59
N GLY B 27 10.02 16.12 5.72
CA GLY B 27 11.13 15.29 6.12
C GLY B 27 10.88 13.79 6.02
N THR B 28 9.64 13.38 5.73
CA THR B 28 9.34 11.95 5.64
C THR B 28 10.10 11.30 4.48
N PHE B 29 10.21 12.01 3.36
CA PHE B 29 10.84 11.45 2.17
C PHE B 29 12.35 11.28 2.31
N SER B 30 12.95 11.66 3.44
CA SER B 30 14.37 11.49 3.66
C SER B 30 14.71 10.25 4.48
N SER B 31 13.77 9.74 5.28
CA SER B 31 14.01 8.59 6.14
C SER B 31 12.88 7.56 6.07
N TYR B 32 12.03 7.63 5.04
CA TYR B 32 10.91 6.72 4.91
C TYR B 32 10.67 6.41 3.44
N THR B 33 10.11 5.23 3.18
CA THR B 33 9.62 4.85 1.88
C THR B 33 8.10 4.74 1.92
N ILE B 34 7.45 5.00 0.79
CA ILE B 34 6.00 5.03 0.72
C ILE B 34 5.52 3.85 -0.13
N SER B 35 4.59 3.08 0.42
CA SER B 35 3.97 1.97 -0.29
C SER B 35 2.48 2.22 -0.44
N TRP B 36 1.86 1.48 -1.35
CA TRP B 36 0.43 1.59 -1.63
C TRP B 36 -0.21 0.22 -1.44
N VAL B 37 -1.22 0.16 -0.57
CA VAL B 37 -1.93 -1.08 -0.26
C VAL B 37 -3.42 -0.82 -0.46
N ARG B 38 -4.09 -1.74 -1.15
CA ARG B 38 -5.52 -1.61 -1.43
C ARG B 38 -6.29 -2.75 -0.77
N GLN B 39 -7.59 -2.51 -0.56
CA GLN B 39 -8.45 -3.49 0.09
C GLN B 39 -9.84 -3.38 -0.52
N ALA B 40 -10.24 -4.38 -1.30
CA ALA B 40 -11.57 -4.41 -1.85
C ALA B 40 -12.60 -4.64 -0.75
N PRO B 41 -13.85 -4.20 -0.95
CA PRO B 41 -14.87 -4.35 0.09
C PRO B 41 -15.04 -5.81 0.51
N GLY B 42 -14.86 -6.07 1.81
CA GLY B 42 -15.00 -7.40 2.35
C GLY B 42 -13.84 -8.33 2.07
N GLN B 43 -12.73 -7.82 1.57
CA GLN B 43 -11.56 -8.63 1.23
C GLN B 43 -10.35 -8.19 2.07
N GLY B 44 -9.21 -8.79 1.77
CA GLY B 44 -8.00 -8.56 2.52
C GLY B 44 -7.13 -7.47 1.91
N LEU B 45 -5.94 -7.32 2.48
CA LEU B 45 -4.99 -6.31 2.05
C LEU B 45 -4.12 -6.84 0.92
N GLU B 46 -3.81 -5.95 -0.03
CA GLU B 46 -3.00 -6.30 -1.20
C GLU B 46 -1.94 -5.24 -1.40
N TRP B 47 -0.68 -5.63 -1.27
CA TRP B 47 0.44 -4.72 -1.47
C TRP B 47 0.71 -4.56 -2.96
N MET B 48 0.82 -3.31 -3.42
CA MET B 48 0.97 -3.01 -4.84
C MET B 48 2.40 -2.65 -5.21
N GLY B 49 3.05 -1.77 -4.45
CA GLY B 49 4.39 -1.34 -4.77
C GLY B 49 4.90 -0.39 -3.71
N ARG B 50 6.18 -0.03 -3.85
CA ARG B 50 6.85 0.84 -2.90
C ARG B 50 7.85 1.72 -3.65
N ILE B 51 7.91 3.00 -3.28
CA ILE B 51 8.84 3.95 -3.87
C ILE B 51 9.84 4.38 -2.82
N ILE B 52 11.11 4.48 -3.21
CA ILE B 52 12.15 5.00 -2.33
C ILE B 52 12.56 6.37 -2.84
N PRO B 53 12.15 7.46 -2.17
CA PRO B 53 12.48 8.79 -2.72
C PRO B 53 13.97 9.08 -2.76
N ILE B 54 14.74 8.63 -1.76
CA ILE B 54 16.14 9.04 -1.69
C ILE B 54 17.00 8.36 -2.74
N LEU B 55 16.53 7.27 -3.34
CA LEU B 55 17.27 6.59 -4.39
C LEU B 55 16.62 6.68 -5.76
N ASP B 56 15.45 7.31 -5.87
CA ASP B 56 14.68 7.37 -7.12
C ASP B 56 14.45 5.96 -7.67
N ARG B 57 14.13 5.03 -6.76
CA ARG B 57 13.89 3.64 -7.09
C ARG B 57 12.47 3.25 -6.68
N VAL B 58 11.83 2.44 -7.50
CA VAL B 58 10.46 1.99 -7.26
C VAL B 58 10.35 0.54 -7.70
N MET B 59 9.57 -0.23 -6.95
CA MET B 59 9.29 -1.62 -7.28
C MET B 59 7.80 -1.88 -7.18
N TYR B 60 7.30 -2.77 -8.03
CA TYR B 60 5.88 -3.07 -8.10
C TYR B 60 5.65 -4.56 -7.94
N ALA B 61 4.46 -4.91 -7.47
CA ALA B 61 4.08 -6.32 -7.37
C ALA B 61 3.88 -6.90 -8.77
N GLN B 62 3.95 -8.24 -8.83
CA GLN B 62 3.82 -8.91 -10.12
C GLN B 62 2.43 -8.68 -10.72
N LYS B 63 1.38 -8.75 -9.89
CA LYS B 63 0.02 -8.57 -10.38
C LYS B 63 -0.23 -7.15 -10.87
N PHE B 64 0.59 -6.18 -10.47
CA PHE B 64 0.35 -4.78 -10.78
C PHE B 64 1.41 -4.19 -11.71
N GLN B 65 2.33 -5.00 -12.21
CA GLN B 65 3.34 -4.49 -13.14
C GLN B 65 2.70 -4.21 -14.50
N GLY B 66 2.98 -3.03 -15.03
CA GLY B 66 2.38 -2.59 -16.28
C GLY B 66 1.11 -1.77 -16.14
N ARG B 67 0.51 -1.72 -14.94
CA ARG B 67 -0.68 -0.93 -14.72
C ARG B 67 -0.52 0.14 -13.65
N VAL B 68 0.50 0.06 -12.80
CA VAL B 68 0.68 0.98 -11.68
C VAL B 68 1.97 1.74 -11.87
N THR B 69 1.92 3.06 -11.66
CA THR B 69 3.09 3.92 -11.66
C THR B 69 3.08 4.74 -10.38
N ILE B 70 4.08 4.53 -9.53
CA ILE B 70 4.20 5.21 -8.25
C ILE B 70 5.29 6.26 -8.36
N THR B 71 4.95 7.51 -8.01
CA THR B 71 5.90 8.62 -8.06
C THR B 71 5.89 9.36 -6.73
N ALA B 72 6.97 10.10 -6.50
CA ALA B 72 7.11 10.89 -5.28
C ALA B 72 7.64 12.27 -5.65
N ASP B 73 6.95 13.31 -5.19
CA ASP B 73 7.34 14.70 -5.45
C ASP B 73 7.97 15.25 -4.17
N LYS B 74 9.30 15.28 -4.14
CA LYS B 74 10.01 15.79 -2.98
C LYS B 74 9.80 17.30 -2.80
N SER B 75 9.41 18.01 -3.86
CA SER B 75 9.17 19.44 -3.74
C SER B 75 7.96 19.73 -2.85
N THR B 76 6.90 18.93 -2.98
CA THR B 76 5.69 19.09 -2.18
C THR B 76 5.51 18.01 -1.13
N SER B 77 6.49 17.10 -0.99
CA SER B 77 6.41 16.02 -0.01
C SER B 77 5.15 15.17 -0.20
N THR B 78 4.86 14.85 -1.45
CA THR B 78 3.64 14.12 -1.81
C THR B 78 3.98 12.94 -2.69
N ALA B 79 3.36 11.80 -2.40
CA ALA B 79 3.51 10.59 -3.19
C ALA B 79 2.23 10.34 -4.00
N TYR B 80 2.39 9.71 -5.16
CA TYR B 80 1.28 9.48 -6.07
C TYR B 80 1.26 8.03 -6.53
N MET B 81 0.05 7.55 -6.82
CA MET B 81 -0.17 6.22 -7.38
C MET B 81 -1.15 6.36 -8.53
N GLU B 82 -0.84 5.68 -9.64
CA GLU B 82 -1.66 5.77 -10.85
C GLU B 82 -1.97 4.35 -11.34
N LEU B 83 -3.26 4.01 -11.38
CA LEU B 83 -3.71 2.73 -11.91
C LEU B 83 -4.26 2.94 -13.32
N SER B 84 -3.78 2.13 -14.27
CA SER B 84 -4.00 2.40 -15.69
C SER B 84 -5.40 2.03 -16.15
N SER B 85 -5.65 0.73 -16.36
CA SER B 85 -6.90 0.25 -16.95
C SER B 85 -7.80 -0.27 -15.84
N LEU B 86 -8.61 0.63 -15.29
CA LEU B 86 -9.46 0.27 -14.16
C LEU B 86 -10.64 -0.58 -14.60
N ARG B 87 -11.03 -1.52 -13.74
CA ARG B 87 -12.28 -2.25 -13.91
C ARG B 87 -12.80 -2.64 -12.53
N SER B 88 -13.79 -3.52 -12.50
CA SER B 88 -14.61 -3.69 -11.29
C SER B 88 -13.79 -4.16 -10.10
N GLU B 89 -12.87 -5.11 -10.30
CA GLU B 89 -12.11 -5.60 -9.16
C GLU B 89 -11.06 -4.61 -8.68
N ASP B 90 -10.84 -3.50 -9.38
CA ASP B 90 -10.00 -2.43 -8.88
C ASP B 90 -10.74 -1.50 -7.93
N THR B 91 -12.05 -1.69 -7.76
CA THR B 91 -12.81 -0.91 -6.78
C THR B 91 -12.39 -1.34 -5.38
N ALA B 92 -11.73 -0.43 -4.66
CA ALA B 92 -11.17 -0.76 -3.36
C ALA B 92 -10.86 0.52 -2.61
N VAL B 93 -10.50 0.36 -1.34
CA VAL B 93 -9.98 1.46 -0.53
C VAL B 93 -8.46 1.41 -0.61
N TYR B 94 -7.86 2.46 -1.17
CA TYR B 94 -6.43 2.50 -1.40
C TYR B 94 -5.74 3.28 -0.28
N TYR B 95 -4.78 2.63 0.38
CA TYR B 95 -4.03 3.23 1.47
C TYR B 95 -2.62 3.54 1.03
N CYS B 96 -2.06 4.61 1.60
CA CYS B 96 -0.63 4.88 1.51
C CYS B 96 -0.01 4.62 2.88
N ALA B 97 1.07 3.86 2.91
CA ALA B 97 1.72 3.47 4.14
C ALA B 97 3.23 3.65 4.00
N ARG B 98 3.87 4.01 5.11
CA ARG B 98 5.28 4.33 5.12
C ARG B 98 6.07 3.31 5.93
N ARG B 99 7.32 3.09 5.51
CA ARG B 99 8.25 2.21 6.21
C ARG B 99 9.57 2.93 6.40
N ALA B 100 10.24 2.64 7.51
CA ALA B 100 11.48 3.32 7.83
C ALA B 100 12.63 2.80 6.96
N ILE B 101 13.54 3.69 6.62
CA ILE B 101 14.74 3.35 5.86
C ILE B 101 15.89 4.19 6.38
N ASP B 102 17.05 3.56 6.55
CA ASP B 102 18.25 4.25 7.02
C ASP B 102 18.83 5.10 5.90
N SER B 103 19.00 6.39 6.15
CA SER B 103 19.46 7.31 5.12
C SER B 103 20.92 7.08 4.71
N ASP B 104 21.68 6.30 5.48
CA ASP B 104 23.07 6.04 5.18
C ASP B 104 23.34 4.64 4.64
N THR B 105 22.61 3.64 5.11
CA THR B 105 22.77 2.27 4.64
C THR B 105 21.66 1.85 3.67
N TYR B 106 20.59 2.62 3.57
CA TYR B 106 19.47 2.33 2.67
C TYR B 106 18.83 0.98 2.98
N VAL B 107 18.88 0.58 4.24
CA VAL B 107 18.23 -0.66 4.70
C VAL B 107 16.80 -0.31 5.09
N GLU B 108 15.84 -0.98 4.47
CA GLU B 108 14.43 -0.72 4.69
C GLU B 108 13.83 -1.74 5.65
N GLN B 109 12.89 -1.28 6.48
CA GLN B 109 12.15 -2.18 7.33
C GLN B 109 10.98 -2.79 6.56
N SER B 110 10.54 -3.96 7.02
CA SER B 110 9.45 -4.66 6.36
C SER B 110 8.08 -4.27 6.89
N HIS B 111 7.99 -3.75 8.11
CA HIS B 111 6.73 -3.41 8.73
C HIS B 111 6.35 -1.96 8.45
N PHE B 112 5.05 -1.70 8.37
CA PHE B 112 4.52 -0.35 8.21
C PHE B 112 4.25 0.24 9.58
N ASP B 113 4.73 1.47 9.80
CA ASP B 113 4.55 2.15 11.08
C ASP B 113 3.50 3.25 11.04
N TYR B 114 2.94 3.55 9.87
CA TYR B 114 1.91 4.58 9.76
C TYR B 114 1.09 4.33 8.51
N TRP B 115 -0.23 4.45 8.64
CA TRP B 115 -1.15 4.26 7.54
C TRP B 115 -1.92 5.55 7.28
N GLY B 116 -2.42 5.70 6.05
CA GLY B 116 -3.28 6.81 5.72
C GLY B 116 -4.75 6.50 5.99
N GLN B 117 -5.58 7.53 5.84
CA GLN B 117 -7.01 7.36 6.09
C GLN B 117 -7.68 6.52 5.02
N GLY B 118 -7.06 6.38 3.85
CA GLY B 118 -7.62 5.59 2.78
C GLY B 118 -8.39 6.44 1.78
N THR B 119 -8.41 5.97 0.53
CA THR B 119 -9.13 6.64 -0.55
C THR B 119 -9.97 5.61 -1.28
N LEU B 120 -11.29 5.81 -1.27
CA LEU B 120 -12.20 4.89 -1.93
C LEU B 120 -12.28 5.24 -3.42
N VAL B 121 -11.96 4.27 -4.28
CA VAL B 121 -12.06 4.42 -5.71
C VAL B 121 -13.08 3.42 -6.21
N THR B 122 -14.18 3.93 -6.78
CA THR B 122 -15.25 3.10 -7.30
C THR B 122 -15.21 3.11 -8.83
N VAL B 123 -14.99 1.95 -9.42
CA VAL B 123 -14.94 1.80 -10.87
C VAL B 123 -16.30 1.31 -11.35
N SER B 124 -17.05 2.20 -11.99
CA SER B 124 -18.39 1.87 -12.48
C SER B 124 -18.83 2.95 -13.46
N SER B 125 -19.69 2.54 -14.39
CA SER B 125 -20.27 3.47 -15.35
C SER B 125 -21.55 4.13 -14.84
N ALA B 126 -21.94 3.84 -13.60
CA ALA B 126 -23.13 4.45 -13.03
C ALA B 126 -22.83 5.88 -12.57
N SER B 127 -23.87 6.71 -12.57
CA SER B 127 -23.76 8.11 -12.17
C SER B 127 -24.25 8.29 -10.74
N THR B 128 -23.80 9.38 -10.12
CA THR B 128 -24.16 9.67 -8.74
C THR B 128 -25.67 9.88 -8.61
N ARG B 129 -26.30 9.12 -7.71
CA ARG B 129 -27.74 9.17 -7.51
C ARG B 129 -28.04 9.08 -6.02
N GLY B 130 -28.90 9.97 -5.54
CA GLY B 130 -29.34 9.95 -4.17
C GLY B 130 -30.21 8.75 -3.87
N PRO B 131 -30.31 8.38 -2.60
CA PRO B 131 -31.07 7.19 -2.23
C PRO B 131 -32.57 7.42 -2.20
N SER B 132 -33.31 6.33 -2.29
CA SER B 132 -34.76 6.31 -2.15
C SER B 132 -35.09 5.52 -0.90
N VAL B 133 -35.66 6.19 0.10
CA VAL B 133 -35.93 5.60 1.40
C VAL B 133 -37.39 5.16 1.45
N PHE B 134 -37.61 3.85 1.63
CA PHE B 134 -38.94 3.27 1.73
C PHE B 134 -39.14 2.65 3.10
N PRO B 135 -40.36 2.71 3.65
CA PRO B 135 -40.58 2.18 4.99
C PRO B 135 -40.81 0.68 5.01
N LEU B 136 -40.31 0.06 6.07
CA LEU B 136 -40.58 -1.35 6.37
C LEU B 136 -41.52 -1.36 7.57
N ALA B 137 -42.82 -1.34 7.28
CA ALA B 137 -43.81 -1.12 8.33
C ALA B 137 -43.90 -2.32 9.26
N PRO B 138 -44.08 -2.09 10.56
CA PRO B 138 -44.30 -3.21 11.48
C PRO B 138 -45.74 -3.71 11.40
N SER B 139 -45.89 -5.02 11.52
CA SER B 139 -47.21 -5.64 11.42
C SER B 139 -47.15 -7.00 12.11
N SER B 140 -48.13 -7.87 11.81
CA SER B 140 -48.14 -9.21 12.39
C SER B 140 -47.00 -10.05 11.84
N LYS B 141 -46.69 -9.91 10.56
CA LYS B 141 -45.55 -10.59 9.97
C LYS B 141 -44.22 -10.09 10.53
N SER B 142 -44.23 -8.97 11.24
CA SER B 142 -43.05 -8.43 11.89
C SER B 142 -43.10 -8.56 13.41
N THR B 143 -44.02 -9.35 13.93
CA THR B 143 -44.16 -9.55 15.37
C THR B 143 -44.31 -11.02 15.72
N GLY B 145 -44.11 -11.68 19.93
CA GLY B 145 -44.70 -11.50 21.24
C GLY B 145 -44.07 -10.37 22.03
N GLY B 146 -44.76 -9.22 22.03
CA GLY B 146 -44.26 -8.05 22.72
C GLY B 146 -43.11 -7.34 22.03
N THR B 147 -42.63 -7.85 20.90
CA THR B 147 -41.53 -7.24 20.16
C THR B 147 -41.95 -7.06 18.71
N ALA B 148 -41.73 -5.87 18.17
CA ALA B 148 -42.07 -5.55 16.79
C ALA B 148 -40.81 -5.18 16.03
N ALA B 149 -40.82 -5.47 14.73
CA ALA B 149 -39.69 -5.19 13.84
C ALA B 149 -40.12 -4.20 12.78
N LEU B 150 -39.37 -3.11 12.66
CA LEU B 150 -39.60 -2.10 11.63
C LEU B 150 -38.25 -1.65 11.10
N GLY B 151 -38.27 -0.94 9.98
CA GLY B 151 -37.02 -0.48 9.41
C GLY B 151 -37.23 0.39 8.19
N CYS B 152 -36.11 0.72 7.54
CA CYS B 152 -36.10 1.53 6.35
C CYS B 152 -35.28 0.82 5.27
N LEU B 153 -35.69 0.99 4.02
CA LEU B 153 -34.99 0.42 2.88
C LEU B 153 -34.35 1.55 2.09
N VAL B 154 -33.03 1.64 2.15
CA VAL B 154 -32.27 2.64 1.41
C VAL B 154 -31.87 2.00 0.08
N LYS B 155 -32.60 2.33 -0.98
CA LYS B 155 -32.51 1.63 -2.25
C LYS B 155 -32.03 2.56 -3.36
N ASP B 156 -31.21 2.02 -4.26
CA ASP B 156 -30.79 2.67 -5.51
C ASP B 156 -30.07 3.99 -5.23
N TYR B 157 -28.85 3.85 -4.71
CA TYR B 157 -27.96 4.98 -4.50
C TYR B 157 -26.56 4.63 -4.98
N PHE B 158 -25.82 5.67 -5.38
CA PHE B 158 -24.46 5.51 -5.88
C PHE B 158 -23.75 6.83 -5.75
N PRO B 159 -22.50 6.87 -5.28
CA PRO B 159 -21.77 5.69 -4.81
C PRO B 159 -21.85 5.52 -3.29
N GLU B 160 -21.12 4.55 -2.75
CA GLU B 160 -20.99 4.42 -1.31
C GLU B 160 -20.21 5.60 -0.75
N PRO B 161 -20.37 5.91 0.54
CA PRO B 161 -21.20 5.25 1.54
C PRO B 161 -22.49 5.98 1.89
N VAL B 162 -23.26 5.40 2.82
CA VAL B 162 -24.43 6.04 3.41
C VAL B 162 -24.40 5.81 4.90
N THR B 163 -25.01 6.73 5.65
CA THR B 163 -25.12 6.64 7.09
C THR B 163 -26.58 6.73 7.48
N VAL B 164 -27.01 5.84 8.37
CA VAL B 164 -28.41 5.76 8.80
C VAL B 164 -28.45 5.84 10.33
N SER B 165 -29.36 6.67 10.84
CA SER B 165 -29.61 6.77 12.27
C SER B 165 -31.12 6.74 12.50
N TRP B 166 -31.51 6.54 13.76
CA TRP B 166 -32.92 6.43 14.12
C TRP B 166 -33.24 7.45 15.20
N ASN B 167 -34.31 8.21 14.99
CA ASN B 167 -34.76 9.26 15.91
C ASN B 167 -33.65 10.27 16.19
N SER B 168 -32.90 10.61 15.12
CA SER B 168 -31.79 11.57 15.20
C SER B 168 -30.76 11.14 16.24
N GLY B 169 -30.50 9.83 16.31
CA GLY B 169 -29.52 9.28 17.23
C GLY B 169 -30.06 8.93 18.59
N ALA B 170 -31.34 9.19 18.87
CA ALA B 170 -31.88 8.87 20.18
C ALA B 170 -32.12 7.37 20.33
N LEU B 171 -32.56 6.71 19.26
CA LEU B 171 -32.80 5.27 19.28
C LEU B 171 -31.54 4.55 18.83
N THR B 172 -30.96 3.75 19.72
CA THR B 172 -29.72 3.03 19.42
C THR B 172 -29.85 1.54 19.68
N SER B 173 -30.66 1.16 20.66
CA SER B 173 -30.78 -0.24 21.05
C SER B 173 -31.63 -1.00 20.03
N GLY B 174 -31.20 -2.24 19.74
CA GLY B 174 -31.92 -3.07 18.81
C GLY B 174 -31.82 -2.67 17.35
N VAL B 175 -30.97 -1.70 17.03
CA VAL B 175 -30.83 -1.21 15.66
C VAL B 175 -29.81 -2.07 14.93
N HIS B 176 -30.18 -2.54 13.74
CA HIS B 176 -29.29 -3.32 12.88
C HIS B 176 -29.26 -2.66 11.51
N THR B 177 -28.14 -2.02 11.18
CA THR B 177 -27.92 -1.42 9.86
C THR B 177 -27.04 -2.37 9.06
N PHE B 178 -27.63 -3.01 8.06
CA PHE B 178 -26.95 -4.06 7.31
C PHE B 178 -25.98 -3.46 6.29
N PRO B 179 -24.89 -4.17 5.98
CA PRO B 179 -23.99 -3.73 4.92
C PRO B 179 -24.70 -3.68 3.58
N ALA B 180 -24.26 -2.77 2.73
CA ALA B 180 -24.90 -2.56 1.44
C ALA B 180 -24.55 -3.69 0.47
N VAL B 181 -25.39 -3.84 -0.55
CA VAL B 181 -25.17 -4.80 -1.62
C VAL B 181 -25.24 -4.06 -2.96
N LEU B 182 -24.45 -4.54 -3.92
CA LEU B 182 -24.41 -3.96 -5.26
C LEU B 182 -25.36 -4.74 -6.16
N GLN B 183 -26.44 -4.10 -6.58
CA GLN B 183 -27.44 -4.76 -7.40
C GLN B 183 -26.99 -4.79 -8.86
N SER B 184 -27.80 -5.43 -9.70
CA SER B 184 -27.46 -5.57 -11.12
C SER B 184 -27.47 -4.24 -11.84
N SER B 185 -28.25 -3.27 -11.34
CA SER B 185 -28.32 -1.96 -11.98
C SER B 185 -27.08 -1.12 -11.77
N GLY B 186 -26.15 -1.57 -10.92
CA GLY B 186 -24.99 -0.78 -10.58
C GLY B 186 -25.18 0.15 -9.39
N LEU B 187 -26.37 0.14 -8.78
CA LEU B 187 -26.67 0.97 -7.63
C LEU B 187 -26.73 0.10 -6.37
N TYR B 188 -26.39 0.72 -5.24
CA TYR B 188 -26.37 0.01 -3.97
C TYR B 188 -27.73 0.10 -3.28
N SER B 189 -27.97 -0.87 -2.39
CA SER B 189 -29.20 -0.92 -1.61
C SER B 189 -28.86 -1.31 -0.18
N LEU B 190 -29.52 -0.67 0.77
CA LEU B 190 -29.22 -0.86 2.19
C LEU B 190 -30.53 -0.95 2.98
N SER B 191 -30.47 -1.65 4.10
CA SER B 191 -31.61 -1.78 5.01
C SER B 191 -31.14 -1.55 6.44
N SER B 192 -31.97 -0.88 7.22
CA SER B 192 -31.70 -0.61 8.63
C SER B 192 -32.96 -0.92 9.41
N VAL B 193 -32.91 -1.96 10.25
CA VAL B 193 -34.06 -2.39 11.03
C VAL B 193 -33.81 -2.13 12.50
N VAL B 194 -34.89 -2.07 13.26
CA VAL B 194 -34.83 -1.85 14.70
C VAL B 194 -35.99 -2.60 15.36
N THR B 195 -35.69 -3.35 16.42
CA THR B 195 -36.69 -4.10 17.16
C THR B 195 -37.14 -3.27 18.36
N VAL B 196 -38.44 -3.03 18.45
CA VAL B 196 -39.00 -2.19 19.51
C VAL B 196 -40.15 -2.95 20.16
N PRO B 197 -40.52 -2.57 21.40
CA PRO B 197 -41.69 -3.20 22.03
C PRO B 197 -42.96 -2.90 21.25
N SER B 198 -43.83 -3.91 21.18
CA SER B 198 -45.08 -3.76 20.45
C SER B 198 -46.03 -2.77 21.12
N SER B 199 -45.87 -2.52 22.42
CA SER B 199 -46.73 -1.58 23.12
C SER B 199 -46.46 -0.14 22.69
N SER B 200 -45.30 0.15 22.14
CA SER B 200 -44.93 1.50 21.73
C SER B 200 -45.28 1.81 20.28
N LEU B 201 -45.89 0.87 19.56
CA LEU B 201 -46.22 1.11 18.17
C LEU B 201 -47.26 2.20 18.00
N GLY B 202 -48.09 2.43 19.02
CA GLY B 202 -49.10 3.46 18.95
C GLY B 202 -48.75 4.71 19.71
N THR B 203 -47.74 4.62 20.59
CA THR B 203 -47.35 5.73 21.44
C THR B 203 -46.01 6.35 21.08
N GLN B 204 -45.14 5.62 20.37
CA GLN B 204 -43.80 6.10 20.05
C GLN B 204 -43.67 6.33 18.54
N THR B 205 -43.01 7.42 18.17
CA THR B 205 -42.75 7.77 16.79
C THR B 205 -41.34 7.31 16.41
N TYR B 206 -41.23 6.66 15.24
CA TYR B 206 -39.96 6.12 14.77
C TYR B 206 -39.63 6.73 13.42
N ILE B 207 -38.46 7.36 13.33
CA ILE B 207 -38.00 8.02 12.12
C ILE B 207 -36.56 7.62 11.86
N CYS B 208 -36.28 7.18 10.64
CA CYS B 208 -34.92 6.86 10.21
C CYS B 208 -34.34 8.04 9.45
N ASN B 209 -33.08 8.35 9.72
CA ASN B 209 -32.39 9.49 9.12
C ASN B 209 -31.27 8.98 8.23
N VAL B 210 -31.39 9.22 6.92
CA VAL B 210 -30.44 8.75 5.94
C VAL B 210 -29.65 9.95 5.42
N ASN B 211 -28.34 9.77 5.29
CA ASN B 211 -27.44 10.80 4.76
C ASN B 211 -26.52 10.18 3.72
N HIS B 212 -26.51 10.76 2.52
CA HIS B 212 -25.67 10.31 1.42
C HIS B 212 -24.85 11.52 0.97
N LYS B 213 -23.67 11.68 1.59
CA LYS B 213 -22.83 12.83 1.31
C LYS B 213 -22.35 12.92 -0.14
N PRO B 214 -22.05 11.84 -0.87
CA PRO B 214 -21.63 12.00 -2.27
C PRO B 214 -22.65 12.73 -3.14
N SER B 215 -23.93 12.70 -2.78
CA SER B 215 -24.96 13.41 -3.53
C SER B 215 -25.59 14.55 -2.75
N ASN B 216 -25.11 14.82 -1.53
CA ASN B 216 -25.69 15.85 -0.65
C ASN B 216 -27.19 15.62 -0.46
N THR B 217 -27.53 14.42 0.01
CA THR B 217 -28.93 14.00 0.17
C THR B 217 -29.18 13.66 1.63
N LYS B 218 -30.06 14.42 2.27
CA LYS B 218 -30.48 14.17 3.65
C LYS B 218 -31.98 13.93 3.65
N VAL B 219 -32.38 12.69 3.91
CA VAL B 219 -33.78 12.29 3.89
C VAL B 219 -34.12 11.59 5.20
N ASP B 220 -35.24 11.98 5.81
CA ASP B 220 -35.78 11.33 6.99
C ASP B 220 -37.14 10.74 6.65
N LYS B 221 -37.38 9.51 7.10
CA LYS B 221 -38.61 8.80 6.80
C LYS B 221 -39.26 8.31 8.07
N ARG B 222 -40.55 8.57 8.22
CA ARG B 222 -41.33 8.11 9.36
C ARG B 222 -41.95 6.76 9.02
N VAL B 223 -41.59 5.73 9.78
CA VAL B 223 -42.14 4.39 9.60
C VAL B 223 -43.34 4.24 10.54
N GLU B 224 -44.51 3.99 9.98
CA GLU B 224 -45.74 3.91 10.74
C GLU B 224 -46.32 2.50 10.68
N PRO B 225 -47.04 2.08 11.72
CA PRO B 225 -47.64 0.73 11.69
C PRO B 225 -48.70 0.61 10.62
N LYS B 226 -48.82 -0.59 10.07
CA LYS B 226 -49.80 -0.88 9.03
C LYS B 226 -51.09 -1.42 9.65
N SER B 227 -52.18 -1.23 8.92
CA SER B 227 -53.50 -1.72 9.35
C SER B 227 -53.97 -2.80 8.39
N CYS B 228 -54.89 -3.64 8.89
CA CYS B 228 -55.42 -4.76 8.12
C CYS B 228 -56.11 -4.30 6.84
N GLU C 1 6.22 -14.80 -6.62
CA GLU C 1 5.86 -14.20 -5.35
C GLU C 1 5.63 -15.26 -4.28
N ILE C 2 6.11 -14.98 -3.06
CA ILE C 2 5.91 -15.90 -1.95
C ILE C 2 4.45 -15.84 -1.50
N VAL C 3 3.79 -16.98 -1.48
CA VAL C 3 2.40 -17.06 -1.04
C VAL C 3 2.38 -17.29 0.47
N MET C 4 1.64 -16.44 1.18
CA MET C 4 1.53 -16.51 2.63
C MET C 4 0.19 -17.13 2.97
N THR C 5 0.21 -18.31 3.59
CA THR C 5 -1.00 -19.03 3.96
C THR C 5 -1.27 -18.86 5.45
N GLN C 6 -2.43 -18.30 5.78
CA GLN C 6 -2.82 -18.08 7.17
C GLN C 6 -3.85 -19.13 7.57
N SER C 7 -3.60 -19.80 8.69
CA SER C 7 -4.49 -20.85 9.18
C SER C 7 -4.73 -20.67 10.67
N PRO C 8 -5.97 -20.87 11.13
CA PRO C 8 -7.12 -21.18 10.26
C PRO C 8 -7.77 -19.92 9.71
N ALA C 9 -8.84 -20.09 8.92
CA ALA C 9 -9.53 -18.93 8.35
C ALA C 9 -10.40 -18.24 9.39
N THR C 10 -11.05 -19.01 10.27
CA THR C 10 -11.91 -18.46 11.30
C THR C 10 -11.66 -19.21 12.61
N LEU C 11 -11.61 -18.46 13.71
CA LEU C 11 -11.42 -19.03 15.04
C LEU C 11 -12.56 -18.57 15.94
N SER C 12 -13.27 -19.53 16.52
CA SER C 12 -14.36 -19.25 17.45
C SER C 12 -13.87 -19.58 18.86
N LEU C 13 -13.63 -18.55 19.66
CA LEU C 13 -13.11 -18.70 21.01
C LEU C 13 -13.91 -17.82 21.96
N SER C 14 -13.59 -17.94 23.25
CA SER C 14 -14.25 -17.16 24.30
C SER C 14 -13.25 -16.21 24.97
N PRO C 15 -13.71 -15.09 25.51
CA PRO C 15 -12.80 -14.20 26.25
C PRO C 15 -12.14 -14.94 27.40
N GLY C 16 -10.83 -14.75 27.52
CA GLY C 16 -10.04 -15.41 28.55
C GLY C 16 -9.27 -16.62 28.09
N GLU C 17 -9.50 -17.08 26.86
CA GLU C 17 -8.80 -18.22 26.30
C GLU C 17 -7.62 -17.77 25.45
N ARG C 18 -6.72 -18.70 25.17
CA ARG C 18 -5.55 -18.42 24.37
C ARG C 18 -5.85 -18.63 22.89
N ALA C 19 -5.39 -17.70 22.06
CA ALA C 19 -5.56 -17.76 20.62
C ALA C 19 -4.20 -17.93 19.97
N THR C 20 -4.09 -18.92 19.08
CA THR C 20 -2.85 -19.21 18.36
C THR C 20 -3.14 -19.13 16.87
N LEU C 21 -2.48 -18.21 16.18
CA LEU C 21 -2.68 -17.97 14.76
C LEU C 21 -1.42 -18.31 14.00
N SER C 22 -1.58 -19.03 12.88
CA SER C 22 -0.45 -19.54 12.11
C SER C 22 -0.33 -18.81 10.79
N CYS C 23 0.91 -18.52 10.39
CA CYS C 23 1.22 -17.93 9.10
C CYS C 23 2.41 -18.69 8.52
N ARG C 24 2.20 -19.28 7.34
CA ARG C 24 3.21 -20.10 6.70
C ARG C 24 3.59 -19.51 5.34
N ALA C 25 4.86 -19.63 4.98
CA ALA C 25 5.39 -19.06 3.76
C ALA C 25 5.93 -20.15 2.85
N SER C 26 5.81 -19.91 1.54
CA SER C 26 6.35 -20.85 0.55
C SER C 26 7.86 -20.71 0.39
N GLN C 27 8.43 -19.60 0.83
CA GLN C 27 9.87 -19.41 0.84
C GLN C 27 10.26 -18.60 2.06
N SER C 28 11.51 -18.72 2.47
CA SER C 28 11.97 -18.10 3.71
C SER C 28 11.93 -16.57 3.58
N VAL C 29 11.28 -15.94 4.55
CA VAL C 29 11.28 -14.48 4.68
C VAL C 29 12.21 -14.01 5.79
N SER C 30 13.07 -14.91 6.30
CA SER C 30 13.98 -14.62 7.41
C SER C 30 13.14 -14.19 8.61
N SER C 31 13.37 -13.02 9.20
CA SER C 31 12.54 -12.51 10.27
C SER C 31 11.67 -11.33 9.82
N TYR C 32 11.56 -11.10 8.52
CA TYR C 32 10.81 -9.98 7.97
C TYR C 32 9.31 -10.30 7.97
N LEU C 33 8.75 -10.41 9.16
CA LEU C 33 7.32 -10.69 9.32
C LEU C 33 6.70 -9.72 10.32
N ALA C 34 5.47 -9.33 10.04
CA ALA C 34 4.72 -8.44 10.92
C ALA C 34 3.28 -8.92 11.02
N TRP C 35 2.67 -8.66 12.17
CA TRP C 35 1.29 -9.03 12.44
C TRP C 35 0.46 -7.77 12.64
N TYR C 36 -0.69 -7.71 11.98
CA TYR C 36 -1.56 -6.54 12.03
C TYR C 36 -2.96 -6.94 12.47
N GLN C 37 -3.65 -6.01 13.12
CA GLN C 37 -5.05 -6.18 13.50
C GLN C 37 -5.88 -5.11 12.81
N GLN C 38 -7.05 -5.50 12.31
CA GLN C 38 -7.96 -4.58 11.64
C GLN C 38 -9.36 -4.80 12.17
N LYS C 39 -9.95 -3.75 12.74
CA LYS C 39 -11.35 -3.75 13.15
C LYS C 39 -12.21 -3.16 12.04
N PRO C 40 -13.51 -3.46 12.04
CA PRO C 40 -14.38 -2.93 10.98
C PRO C 40 -14.37 -1.41 10.94
N GLY C 41 -14.18 -0.86 9.74
CA GLY C 41 -14.16 0.57 9.55
C GLY C 41 -12.89 1.27 9.95
N GLN C 42 -11.82 0.53 10.24
CA GLN C 42 -10.56 1.11 10.68
C GLN C 42 -9.42 0.62 9.78
N ALA C 43 -8.31 1.35 9.84
CA ALA C 43 -7.10 0.95 9.15
C ALA C 43 -6.33 -0.07 9.97
N PRO C 44 -5.51 -0.90 9.32
CA PRO C 44 -4.76 -1.92 10.07
C PRO C 44 -3.82 -1.28 11.10
N SER C 45 -3.66 -1.97 12.22
CA SER C 45 -2.80 -1.53 13.31
C SER C 45 -1.71 -2.58 13.54
N LEU C 46 -0.47 -2.12 13.62
CA LEU C 46 0.66 -3.04 13.81
C LEU C 46 0.68 -3.57 15.24
N LEU C 47 0.86 -4.88 15.38
CA LEU C 47 0.98 -5.53 16.68
C LEU C 47 2.39 -6.04 16.92
N ILE C 48 2.90 -6.91 16.05
CA ILE C 48 4.23 -7.48 16.16
C ILE C 48 5.00 -7.17 14.89
N TYR C 49 6.27 -6.85 15.03
CA TYR C 49 7.15 -6.59 13.90
C TYR C 49 8.46 -7.35 14.11
N ASP C 50 9.10 -7.69 12.98
CA ASP C 50 10.32 -8.50 12.98
C ASP C 50 10.09 -9.82 13.71
N ALA C 51 8.96 -10.46 13.39
CA ALA C 51 8.60 -11.80 13.85
C ALA C 51 8.27 -11.85 15.34
N SER C 52 9.07 -11.22 16.19
CA SER C 52 8.93 -11.41 17.64
C SER C 52 8.92 -10.13 18.46
N ASN C 53 9.11 -8.96 17.87
CA ASN C 53 9.19 -7.71 18.63
C ASN C 53 7.81 -7.07 18.72
N ARG C 54 7.40 -6.76 19.95
CA ARG C 54 6.11 -6.12 20.19
C ARG C 54 6.18 -4.64 19.86
N ALA C 55 5.10 -4.12 19.27
CA ALA C 55 5.05 -2.71 18.92
C ALA C 55 4.77 -1.85 20.16
N THR C 56 5.02 -0.55 20.01
CA THR C 56 4.83 0.37 21.12
C THR C 56 3.35 0.52 21.44
N GLY C 57 3.01 0.41 22.73
CA GLY C 57 1.64 0.53 23.19
C GLY C 57 0.81 -0.73 23.08
N ILE C 58 1.34 -1.78 22.47
CA ILE C 58 0.58 -3.03 22.33
C ILE C 58 0.60 -3.77 23.67
N PRO C 59 -0.53 -4.29 24.15
CA PRO C 59 -0.53 -5.02 25.41
C PRO C 59 0.39 -6.23 25.36
N ALA C 60 0.88 -6.63 26.54
CA ALA C 60 1.84 -7.72 26.65
C ALA C 60 1.22 -9.08 26.35
N ARG C 61 -0.09 -9.17 26.19
CA ARG C 61 -0.72 -10.45 25.87
C ARG C 61 -0.50 -10.86 24.42
N PHE C 62 -0.06 -9.94 23.57
CA PHE C 62 0.26 -10.26 22.18
C PHE C 62 1.72 -10.67 22.07
N SER C 63 1.97 -11.82 21.44
CA SER C 63 3.31 -12.35 21.31
C SER C 63 3.47 -13.00 19.93
N GLY C 64 4.63 -12.82 19.33
CA GLY C 64 4.92 -13.39 18.03
C GLY C 64 6.16 -14.28 18.09
N SER C 65 6.14 -15.33 17.27
CA SER C 65 7.25 -16.27 17.22
C SER C 65 7.35 -16.86 15.83
N GLY C 66 8.52 -17.40 15.52
CA GLY C 66 8.77 -18.06 14.25
C GLY C 66 9.93 -17.45 13.49
N SER C 67 10.33 -18.16 12.45
CA SER C 67 11.42 -17.73 11.58
C SER C 67 11.32 -18.47 10.26
N GLY C 68 11.85 -17.84 9.20
CA GLY C 68 11.88 -18.46 7.90
C GLY C 68 10.52 -18.61 7.24
N THR C 69 9.89 -19.77 7.44
CA THR C 69 8.64 -20.08 6.77
C THR C 69 7.48 -20.41 7.70
N ASP C 70 7.72 -20.55 9.00
CA ASP C 70 6.69 -20.89 9.96
C ASP C 70 6.65 -19.82 11.05
N PHE C 71 5.46 -19.24 11.27
CA PHE C 71 5.29 -18.17 12.24
C PHE C 71 3.99 -18.38 13.01
N THR C 72 3.93 -17.78 14.20
CA THR C 72 2.78 -17.96 15.08
C THR C 72 2.50 -16.67 15.83
N LEU C 73 1.24 -16.23 15.79
CA LEU C 73 0.77 -15.13 16.61
C LEU C 73 -0.02 -15.69 17.78
N THR C 74 0.31 -15.24 18.99
CA THR C 74 -0.26 -15.80 20.21
C THR C 74 -0.86 -14.68 21.06
N ILE C 75 -2.16 -14.80 21.35
CA ILE C 75 -2.83 -13.94 22.32
C ILE C 75 -3.04 -14.78 23.57
N SER C 76 -2.30 -14.45 24.63
CA SER C 76 -2.28 -15.29 25.83
C SER C 76 -3.68 -15.46 26.42
N SER C 77 -4.39 -14.35 26.62
CA SER C 77 -5.76 -14.38 27.14
C SER C 77 -6.58 -13.39 26.34
N LEU C 78 -7.64 -13.87 25.69
CA LEU C 78 -8.42 -13.04 24.80
C LEU C 78 -9.22 -12.00 25.58
N GLU C 79 -9.06 -10.73 25.21
CA GLU C 79 -9.92 -9.66 25.67
C GLU C 79 -11.06 -9.45 24.67
N PRO C 80 -12.20 -8.91 25.11
CA PRO C 80 -13.32 -8.71 24.19
C PRO C 80 -12.99 -7.84 22.99
N GLU C 81 -11.98 -6.98 23.08
CA GLU C 81 -11.59 -6.14 21.96
C GLU C 81 -10.68 -6.85 20.97
N ASP C 82 -10.17 -8.03 21.31
CA ASP C 82 -9.26 -8.76 20.44
C ASP C 82 -9.95 -9.52 19.33
N PHE C 83 -11.28 -9.50 19.28
CA PHE C 83 -12.04 -10.24 18.26
C PHE C 83 -12.13 -9.39 17.01
N ALA C 84 -11.22 -9.65 16.06
CA ALA C 84 -11.18 -8.92 14.80
C ALA C 84 -10.46 -9.80 13.78
N VAL C 85 -9.93 -9.17 12.74
CA VAL C 85 -9.16 -9.87 11.70
C VAL C 85 -7.68 -9.60 11.95
N TYR C 86 -6.85 -10.62 11.72
CA TYR C 86 -5.42 -10.52 11.93
C TYR C 86 -4.70 -10.95 10.65
N TYR C 87 -3.74 -10.13 10.22
CA TYR C 87 -2.98 -10.38 9.00
C TYR C 87 -1.51 -10.54 9.33
N CYS C 88 -0.84 -11.45 8.64
CA CYS C 88 0.61 -11.53 8.65
C CYS C 88 1.16 -10.94 7.36
N GLN C 89 2.32 -10.31 7.45
CA GLN C 89 2.85 -9.53 6.34
C GLN C 89 4.33 -9.81 6.15
N GLN C 90 4.69 -10.17 4.93
CA GLN C 90 6.07 -10.27 4.47
C GLN C 90 6.44 -9.01 3.71
N PRO C 91 7.74 -8.81 3.38
CA PRO C 91 8.14 -7.58 2.69
C PRO C 91 7.35 -7.24 1.43
N LEU C 92 6.67 -8.21 0.84
CA LEU C 92 5.99 -7.99 -0.43
C LEU C 92 4.50 -8.30 -0.42
N THR C 93 4.05 -9.27 0.36
CA THR C 93 2.65 -9.68 0.34
C THR C 93 2.08 -9.73 1.75
N PHE C 94 0.77 -9.59 1.83
CA PHE C 94 0.00 -9.81 3.05
C PHE C 94 -0.58 -11.22 3.05
N GLY C 95 -1.01 -11.65 4.23
CA GLY C 95 -1.70 -12.92 4.34
C GLY C 95 -3.18 -12.81 4.02
N GLY C 96 -3.83 -13.97 3.92
CA GLY C 96 -5.26 -13.99 3.63
C GLY C 96 -6.09 -13.43 4.77
N GLY C 97 -5.62 -13.55 5.99
CA GLY C 97 -6.33 -13.04 7.14
C GLY C 97 -7.03 -14.13 7.93
N THR C 98 -7.10 -13.95 9.24
CA THR C 98 -7.78 -14.87 10.13
C THR C 98 -8.76 -14.09 10.99
N LYS C 99 -10.02 -14.53 10.99
CA LYS C 99 -11.07 -13.89 11.76
C LYS C 99 -11.23 -14.59 13.10
N VAL C 100 -11.20 -13.81 14.17
CA VAL C 100 -11.41 -14.32 15.52
C VAL C 100 -12.77 -13.83 16.00
N GLU C 101 -13.71 -14.75 16.16
CA GLU C 101 -15.06 -14.44 16.59
C GLU C 101 -15.36 -15.12 17.93
N ILE C 102 -16.42 -14.65 18.57
CA ILE C 102 -16.79 -15.13 19.90
C ILE C 102 -17.64 -16.38 19.77
N LYS C 103 -17.26 -17.43 20.50
CA LYS C 103 -18.07 -18.64 20.57
C LYS C 103 -19.28 -18.41 21.47
N ARG C 104 -20.41 -18.99 21.07
CA ARG C 104 -21.67 -18.71 21.75
C ARG C 104 -22.58 -19.92 21.61
N THR C 105 -23.58 -20.00 22.48
CA THR C 105 -24.59 -21.03 22.36
C THR C 105 -25.39 -20.84 21.07
N VAL C 106 -25.90 -21.96 20.54
CA VAL C 106 -26.66 -21.92 19.31
C VAL C 106 -27.96 -21.16 19.53
N ALA C 107 -28.21 -20.16 18.68
CA ALA C 107 -29.39 -19.33 18.77
C ALA C 107 -30.14 -19.34 17.44
N ALA C 108 -31.44 -19.63 17.50
CA ALA C 108 -32.26 -19.66 16.30
C ALA C 108 -32.65 -18.23 15.90
N PRO C 109 -32.78 -17.97 14.60
CA PRO C 109 -33.12 -16.62 14.16
C PRO C 109 -34.60 -16.32 14.31
N SER C 110 -34.90 -15.06 14.67
CA SER C 110 -36.26 -14.56 14.65
C SER C 110 -36.56 -14.07 13.23
N VAL C 111 -37.43 -14.79 12.54
CA VAL C 111 -37.68 -14.55 11.12
C VAL C 111 -38.85 -13.57 10.97
N PHE C 112 -38.62 -12.49 10.24
CA PHE C 112 -39.65 -11.52 9.92
C PHE C 112 -39.65 -11.27 8.41
N ILE C 113 -40.83 -10.94 7.89
CA ILE C 113 -40.98 -10.63 6.48
C ILE C 113 -41.72 -9.30 6.35
N PHE C 114 -41.37 -8.53 5.31
CA PHE C 114 -41.92 -7.20 5.11
C PHE C 114 -42.44 -7.10 3.68
N PRO C 115 -43.74 -6.92 3.47
CA PRO C 115 -44.25 -6.68 2.12
C PRO C 115 -43.78 -5.34 1.61
N PRO C 116 -43.76 -5.13 0.29
CA PRO C 116 -43.30 -3.85 -0.25
C PRO C 116 -44.23 -2.71 0.12
N SER C 117 -43.65 -1.52 0.22
CA SER C 117 -44.41 -0.33 0.57
C SER C 117 -45.19 0.18 -0.64
N ASP C 118 -46.25 0.95 -0.35
CA ASP C 118 -47.04 1.54 -1.42
C ASP C 118 -46.27 2.63 -2.16
N GLU C 119 -45.32 3.27 -1.49
CA GLU C 119 -44.51 4.30 -2.14
C GLU C 119 -43.59 3.69 -3.19
N GLN C 120 -43.05 2.51 -2.93
CA GLN C 120 -42.21 1.85 -3.91
C GLN C 120 -43.05 1.28 -5.05
N LEU C 121 -44.24 0.78 -4.73
CA LEU C 121 -45.14 0.28 -5.77
C LEU C 121 -45.52 1.39 -6.75
N LYS C 122 -45.61 2.63 -6.27
CA LYS C 122 -45.86 3.76 -7.17
C LYS C 122 -44.66 4.00 -8.09
N SER C 123 -43.45 3.68 -7.63
CA SER C 123 -42.26 3.84 -8.46
C SER C 123 -42.15 2.77 -9.53
N GLY C 124 -42.94 1.70 -9.45
CA GLY C 124 -42.88 0.62 -10.42
C GLY C 124 -42.06 -0.57 -10.01
N THR C 125 -41.59 -0.62 -8.76
CA THR C 125 -40.75 -1.71 -8.28
C THR C 125 -41.31 -2.23 -6.96
N ALA C 126 -41.14 -3.53 -6.72
CA ALA C 126 -41.57 -4.16 -5.49
C ALA C 126 -40.39 -4.90 -4.87
N SER C 127 -40.13 -4.64 -3.60
CA SER C 127 -39.04 -5.27 -2.87
C SER C 127 -39.58 -5.92 -1.61
N VAL C 128 -39.35 -7.22 -1.46
CA VAL C 128 -39.75 -7.97 -0.27
C VAL C 128 -38.49 -8.29 0.52
N VAL C 129 -38.52 -8.00 1.82
CA VAL C 129 -37.36 -8.13 2.69
C VAL C 129 -37.65 -9.21 3.73
N CYS C 130 -36.72 -10.16 3.85
CA CYS C 130 -36.79 -11.20 4.88
C CYS C 130 -35.70 -10.92 5.90
N LEU C 131 -36.08 -10.81 7.17
CA LEU C 131 -35.18 -10.41 8.24
C LEU C 131 -34.91 -11.59 9.16
N LEU C 132 -33.63 -11.93 9.33
CA LEU C 132 -33.19 -12.93 10.29
C LEU C 132 -32.41 -12.20 11.39
N ASN C 133 -32.93 -12.23 12.61
CA ASN C 133 -32.42 -11.39 13.68
C ASN C 133 -31.87 -12.24 14.82
N ASN C 134 -30.64 -11.92 15.26
CA ASN C 134 -30.00 -12.48 16.45
C ASN C 134 -29.97 -14.00 16.40
N PHE C 135 -29.07 -14.50 15.56
CA PHE C 135 -28.84 -15.94 15.46
C PHE C 135 -27.35 -16.25 15.53
N TYR C 136 -27.05 -17.48 15.94
CA TYR C 136 -25.70 -18.02 15.96
C TYR C 136 -25.78 -19.53 15.80
N PRO C 137 -24.94 -20.16 14.96
CA PRO C 137 -23.81 -19.57 14.22
C PRO C 137 -24.23 -18.73 13.02
N ARG C 138 -23.23 -18.21 12.30
CA ARG C 138 -23.48 -17.25 11.23
C ARG C 138 -24.09 -17.91 10.00
N GLU C 139 -23.83 -19.19 9.78
CA GLU C 139 -24.28 -19.85 8.57
C GLU C 139 -25.79 -20.05 8.59
N ALA C 140 -26.47 -19.50 7.58
CA ALA C 140 -27.91 -19.62 7.46
C ALA C 140 -28.29 -19.59 5.99
N LYS C 141 -29.33 -20.35 5.64
CA LYS C 141 -29.82 -20.44 4.28
C LYS C 141 -31.21 -19.82 4.19
N VAL C 142 -31.41 -18.95 3.20
CA VAL C 142 -32.67 -18.27 2.97
C VAL C 142 -33.12 -18.58 1.55
N GLN C 143 -34.31 -19.16 1.41
CA GLN C 143 -34.88 -19.53 0.13
C GLN C 143 -36.13 -18.71 -0.13
N TRP C 144 -36.20 -18.09 -1.31
CA TRP C 144 -37.34 -17.28 -1.70
C TRP C 144 -38.28 -18.12 -2.56
N LYS C 145 -39.55 -18.18 -2.17
CA LYS C 145 -40.56 -18.94 -2.88
C LYS C 145 -41.73 -18.02 -3.22
N VAL C 146 -42.09 -17.97 -4.50
CA VAL C 146 -43.19 -17.17 -5.00
C VAL C 146 -44.19 -18.11 -5.63
N ASP C 147 -45.36 -18.25 -4.99
CA ASP C 147 -46.37 -19.23 -5.39
C ASP C 147 -45.76 -20.64 -5.43
N ASN C 148 -44.95 -20.94 -4.42
CA ASN C 148 -44.27 -22.23 -4.29
C ASN C 148 -43.30 -22.48 -5.44
N ALA C 149 -42.81 -21.42 -6.08
CA ALA C 149 -41.81 -21.51 -7.11
C ALA C 149 -40.51 -20.90 -6.60
N LEU C 150 -39.46 -21.70 -6.55
CA LEU C 150 -38.17 -21.23 -6.03
C LEU C 150 -37.62 -20.11 -6.90
N GLN C 151 -37.23 -19.01 -6.27
CA GLN C 151 -36.75 -17.84 -6.96
C GLN C 151 -35.23 -17.81 -6.99
N SER C 152 -34.67 -17.35 -8.09
CA SER C 152 -33.22 -17.30 -8.26
C SER C 152 -32.87 -16.13 -9.17
N GLY C 153 -31.83 -15.40 -8.80
CA GLY C 153 -31.33 -14.29 -9.60
C GLY C 153 -31.90 -12.94 -9.27
N ASN C 154 -32.93 -12.86 -8.41
CA ASN C 154 -33.54 -11.59 -8.06
C ASN C 154 -33.55 -11.36 -6.55
N SER C 155 -32.57 -11.95 -5.85
CA SER C 155 -32.45 -11.80 -4.40
C SER C 155 -30.99 -11.56 -4.04
N GLN C 156 -30.77 -10.89 -2.92
CA GLN C 156 -29.43 -10.60 -2.45
C GLN C 156 -29.43 -10.58 -0.93
N GLU C 157 -28.36 -11.10 -0.34
CA GLU C 157 -28.23 -11.22 1.11
C GLU C 157 -27.17 -10.27 1.64
N SER C 158 -27.21 -10.06 2.96
CA SER C 158 -26.22 -9.25 3.64
C SER C 158 -26.27 -9.60 5.12
N VAL C 159 -25.09 -9.81 5.72
CA VAL C 159 -24.97 -10.23 7.11
C VAL C 159 -24.24 -9.16 7.88
N THR C 160 -24.79 -8.80 9.05
CA THR C 160 -24.12 -7.84 9.92
C THR C 160 -22.92 -8.49 10.60
N GLU C 161 -22.09 -7.66 11.22
CA GLU C 161 -21.00 -8.16 12.02
C GLU C 161 -21.52 -8.69 13.36
N GLN C 162 -20.67 -9.44 14.05
CA GLN C 162 -21.07 -10.02 15.32
C GLN C 162 -21.33 -8.92 16.34
N ASP C 163 -22.50 -9.00 16.99
CA ASP C 163 -22.91 -7.96 17.91
C ASP C 163 -22.00 -7.91 19.13
N SER C 164 -21.64 -6.70 19.55
CA SER C 164 -20.77 -6.51 20.71
C SER C 164 -21.48 -6.70 22.04
N LYS C 165 -22.76 -7.11 22.02
CA LYS C 165 -23.51 -7.31 23.25
C LYS C 165 -23.96 -8.75 23.43
N ASP C 166 -24.62 -9.33 22.42
CA ASP C 166 -25.08 -10.72 22.49
C ASP C 166 -24.28 -11.67 21.62
N SER C 167 -23.36 -11.16 20.78
CA SER C 167 -22.46 -11.99 19.97
C SER C 167 -23.24 -12.87 18.98
N THR C 168 -24.28 -12.30 18.39
CA THR C 168 -25.06 -12.99 17.36
C THR C 168 -24.90 -12.28 16.02
N TYR C 169 -25.58 -12.80 15.01
CA TYR C 169 -25.57 -12.23 13.67
C TYR C 169 -26.99 -11.96 13.22
N SER C 170 -27.11 -11.09 12.21
CA SER C 170 -28.39 -10.78 11.60
C SER C 170 -28.23 -10.79 10.09
N LEU C 171 -29.26 -11.25 9.39
CA LEU C 171 -29.24 -11.38 7.94
C LEU C 171 -30.43 -10.66 7.34
N SER C 172 -30.21 -10.04 6.18
CA SER C 172 -31.26 -9.35 5.44
C SER C 172 -31.24 -9.81 4.00
N SER C 173 -32.35 -10.37 3.53
CA SER C 173 -32.51 -10.81 2.16
C SER C 173 -33.62 -10.00 1.51
N THR C 174 -33.33 -9.45 0.34
CA THR C 174 -34.28 -8.59 -0.38
C THR C 174 -34.57 -9.19 -1.74
N LEU C 175 -35.85 -9.52 -1.97
CA LEU C 175 -36.30 -10.02 -3.25
C LEU C 175 -36.97 -8.87 -4.00
N THR C 176 -36.42 -8.52 -5.15
CA THR C 176 -36.88 -7.37 -5.93
C THR C 176 -37.48 -7.83 -7.24
N LEU C 177 -38.72 -7.41 -7.50
CA LEU C 177 -39.41 -7.67 -8.75
C LEU C 177 -40.07 -6.39 -9.23
N SER C 178 -40.43 -6.37 -10.52
CA SER C 178 -41.17 -5.25 -11.06
C SER C 178 -42.60 -5.26 -10.53
N LYS C 179 -43.25 -4.09 -10.60
CA LYS C 179 -44.63 -3.99 -10.12
C LYS C 179 -45.56 -4.89 -10.92
N ALA C 180 -45.28 -5.06 -12.22
CA ALA C 180 -46.10 -5.96 -13.03
C ALA C 180 -45.87 -7.41 -12.61
N ASP C 181 -44.61 -7.82 -12.50
CA ASP C 181 -44.29 -9.19 -12.09
C ASP C 181 -44.69 -9.46 -10.65
N TYR C 182 -44.79 -8.43 -9.81
CA TYR C 182 -45.21 -8.62 -8.44
C TYR C 182 -46.70 -8.93 -8.34
N GLU C 183 -47.51 -8.42 -9.28
CA GLU C 183 -48.94 -8.65 -9.25
C GLU C 183 -49.38 -9.90 -10.01
N LYS C 184 -48.48 -10.54 -10.75
CA LYS C 184 -48.80 -11.81 -11.40
C LYS C 184 -48.83 -12.99 -10.42
N HIS C 185 -48.48 -12.77 -9.16
CA HIS C 185 -48.45 -13.83 -8.17
C HIS C 185 -49.12 -13.36 -6.88
N LYS C 186 -49.41 -14.30 -6.00
CA LYS C 186 -50.14 -14.03 -4.77
C LYS C 186 -49.35 -14.36 -3.52
N VAL C 187 -48.77 -15.55 -3.44
CA VAL C 187 -48.08 -16.01 -2.24
C VAL C 187 -46.60 -15.71 -2.36
N TYR C 188 -46.04 -15.06 -1.34
CA TYR C 188 -44.62 -14.74 -1.28
C TYR C 188 -44.09 -15.26 0.06
N ALA C 189 -43.21 -16.25 0.02
CA ALA C 189 -42.74 -16.93 1.21
C ALA C 189 -41.22 -16.83 1.32
N CYS C 190 -40.74 -16.90 2.56
CA CYS C 190 -39.31 -16.90 2.87
C CYS C 190 -39.01 -18.11 3.73
N GLU C 191 -38.19 -19.03 3.21
CA GLU C 191 -37.85 -20.26 3.90
C GLU C 191 -36.45 -20.15 4.48
N VAL C 192 -36.32 -20.41 5.78
CA VAL C 192 -35.08 -20.23 6.51
C VAL C 192 -34.62 -21.58 7.06
N THR C 193 -33.34 -21.88 6.88
CA THR C 193 -32.72 -23.09 7.40
C THR C 193 -31.55 -22.70 8.30
N HIS C 194 -31.55 -23.22 9.52
CA HIS C 194 -30.51 -22.89 10.48
C HIS C 194 -30.37 -24.04 11.48
N GLN C 195 -29.22 -24.07 12.17
CA GLN C 195 -28.96 -25.11 13.14
C GLN C 195 -29.91 -25.05 14.32
N GLY C 196 -30.28 -23.84 14.75
CA GLY C 196 -31.19 -23.69 15.88
C GLY C 196 -32.61 -24.12 15.59
N LEU C 197 -32.97 -24.25 14.32
CA LEU C 197 -34.32 -24.66 13.91
C LEU C 197 -34.31 -26.15 13.58
N SER C 198 -35.23 -26.90 14.20
CA SER C 198 -35.34 -28.33 13.90
C SER C 198 -35.83 -28.56 12.48
N SER C 199 -36.73 -27.71 12.00
CA SER C 199 -37.27 -27.78 10.66
C SER C 199 -37.22 -26.41 10.01
N PRO C 200 -37.13 -26.34 8.69
CA PRO C 200 -37.12 -25.04 8.01
C PRO C 200 -38.40 -24.27 8.26
N VAL C 201 -38.26 -23.02 8.70
CA VAL C 201 -39.37 -22.15 9.04
C VAL C 201 -39.70 -21.28 7.84
N THR C 202 -40.99 -21.08 7.59
CA THR C 202 -41.47 -20.30 6.45
C THR C 202 -42.31 -19.14 6.94
N LYS C 203 -41.94 -17.93 6.53
CA LYS C 203 -42.73 -16.73 6.79
C LYS C 203 -43.29 -16.24 5.45
N SER C 204 -44.60 -16.13 5.36
CA SER C 204 -45.26 -15.84 4.09
C SER C 204 -46.33 -14.78 4.28
N PHE C 205 -46.73 -14.18 3.15
CA PHE C 205 -47.84 -13.24 3.11
C PHE C 205 -48.51 -13.33 1.75
N ASN C 206 -49.81 -13.12 1.74
CA ASN C 206 -50.59 -13.09 0.50
C ASN C 206 -50.81 -11.65 0.07
N ARG C 207 -50.45 -11.35 -1.17
CA ARG C 207 -50.56 -10.00 -1.70
C ARG C 207 -52.00 -9.51 -1.74
#